data_6HLE
#
_entry.id   6HLE
#
_cell.length_a   133.095
_cell.length_b   133.095
_cell.length_c   157.563
_cell.angle_alpha   90.00
_cell.angle_beta   90.00
_cell.angle_gamma   120.00
#
_symmetry.space_group_name_H-M   'P 65 2 2'
#
loop_
_entity.id
_entity.type
_entity.pdbx_description
1 polymer Furin
2 polymer LYS-ARG-ARG-TBG-LYS-00S
3 non-polymer 'CALCIUM ION'
4 non-polymer 'SODIUM ION'
5 non-polymer 'CHLORIDE ION'
6 non-polymer 'PHOSPHATE ION'
7 non-polymer 'DIMETHYL SULFOXIDE'
8 non-polymer 3-[4-(3-oxidanylidenepropyl)piperazin-1-yl]propanal
9 water water
#
loop_
_entity_poly.entity_id
_entity_poly.type
_entity_poly.pdbx_seq_one_letter_code
_entity_poly.pdbx_strand_id
1 'polypeptide(L)'
;DVYQEPTDPKFPQQWYLSGVTQRDLNVKAAWAQGYTGHGIVVSILDDGIEKNHPDLAGNYDPGASFDVNDQDPDPQPRYT
QMNDNRHGTRCAGEVAAVANNGVCGVGVAYNARIGGVRMLDGEVTDAVEARSLGLNPNHIHIYSASWGPEDDGKTVDGPA
RLAEEAFFRGVSQGRGGLGSIFVWASGNGGREHDSCNCDGYTNSIYTLSISSATQFGNVPWYSEACSSTLATTYSSGNQN
EKQIVTTDLRQKCTESHTGTSASAPLAAGIIALTLEANKNLTWRDMQHLVVQTSKPAHLNANDWATNGVGRKVSHSYGYG
LLDAGAMVALAQNWTTVAPQRKCIIDILTEPKDIGKRLEVRKTVTACLGEPNHITRLEHAQARLTLSYNRRGDLAIHLVS
PMGTRSTLLAARPHDYSADGFNDWAFMTTHSWDEDPSGEWVLEIENTSEANNYGTLTKFTLVLYGTASGSLVPRGSHHHH
HH
;
A
2 'polypeptide(L)' KRR(TBG)K(00S) B
#
# COMPACT_ATOMS: atom_id res chain seq x y z
N VAL A 2 -14.21 -29.98 -12.02
CA VAL A 2 -13.40 -29.06 -12.81
C VAL A 2 -14.00 -27.65 -12.74
N TYR A 3 -13.15 -26.66 -12.48
CA TYR A 3 -13.61 -25.28 -12.35
C TYR A 3 -14.07 -24.74 -13.70
N GLN A 4 -15.22 -24.07 -13.70
CA GLN A 4 -15.73 -23.36 -14.87
C GLN A 4 -15.49 -21.87 -14.68
N GLU A 5 -14.73 -21.26 -15.59
CA GLU A 5 -14.43 -19.84 -15.49
C GLU A 5 -15.67 -19.01 -15.85
N PRO A 6 -15.73 -17.75 -15.40
CA PRO A 6 -16.94 -16.95 -15.60
C PRO A 6 -17.30 -16.76 -17.06
N THR A 7 -18.58 -16.52 -17.30
CA THR A 7 -19.13 -16.34 -18.65
C THR A 7 -19.54 -14.90 -18.92
N ASP A 8 -19.19 -13.96 -18.04
CA ASP A 8 -19.61 -12.58 -18.21
C ASP A 8 -19.07 -12.01 -19.52
N PRO A 9 -19.82 -11.08 -20.14
CA PRO A 9 -19.46 -10.64 -21.50
C PRO A 9 -18.12 -9.95 -21.61
N LYS A 10 -17.66 -9.24 -20.57
CA LYS A 10 -16.36 -8.57 -20.64
C LYS A 10 -15.25 -9.32 -19.91
N PHE A 11 -15.53 -10.49 -19.33
CA PHE A 11 -14.46 -11.26 -18.70
C PHE A 11 -13.30 -11.56 -19.64
N PRO A 12 -13.51 -11.88 -20.92
CA PRO A 12 -12.35 -12.09 -21.82
C PRO A 12 -11.44 -10.89 -21.95
N GLN A 13 -11.90 -9.67 -21.64
CA GLN A 13 -11.06 -8.48 -21.71
C GLN A 13 -10.29 -8.21 -20.42
N GLN A 14 -10.48 -9.02 -19.37
CA GLN A 14 -9.78 -8.81 -18.10
C GLN A 14 -8.43 -9.56 -18.13
N TRP A 15 -7.53 -9.01 -18.97
CA TRP A 15 -6.24 -9.63 -19.23
C TRP A 15 -5.40 -9.84 -17.97
N TYR A 16 -5.62 -9.04 -16.93
CA TYR A 16 -4.79 -9.07 -15.72
C TYR A 16 -5.19 -10.16 -14.73
N LEU A 17 -6.34 -10.82 -14.92
CA LEU A 17 -6.76 -11.86 -13.99
C LEU A 17 -6.22 -13.24 -14.36
N SER A 18 -6.10 -13.56 -15.65
CA SER A 18 -5.65 -14.87 -16.08
C SER A 18 -5.27 -14.82 -17.55
N GLY A 19 -4.74 -15.93 -18.04
CA GLY A 19 -4.34 -16.08 -19.42
C GLY A 19 -3.18 -17.05 -19.53
N VAL A 20 -2.93 -17.47 -20.78
CA VAL A 20 -1.80 -18.36 -21.03
C VAL A 20 -0.46 -17.63 -21.03
N THR A 21 -0.47 -16.29 -21.09
CA THR A 21 0.72 -15.52 -21.39
C THR A 21 1.62 -15.25 -20.19
N GLN A 22 1.19 -15.59 -18.97
CA GLN A 22 1.93 -15.40 -17.72
C GLN A 22 1.92 -13.93 -17.25
N ARG A 23 1.43 -12.98 -18.06
CA ARG A 23 1.34 -11.59 -17.63
C ARG A 23 0.00 -11.36 -16.93
N ASP A 24 -0.15 -11.96 -15.74
CA ASP A 24 -1.38 -11.80 -14.97
C ASP A 24 -1.08 -11.97 -13.49
N LEU A 25 -2.13 -11.78 -12.67
CA LEU A 25 -2.07 -11.88 -11.22
C LEU A 25 -2.42 -13.29 -10.70
N ASN A 26 -2.61 -14.25 -11.62
CA ASN A 26 -2.80 -15.66 -11.25
C ASN A 26 -4.03 -15.84 -10.35
N VAL A 27 -5.12 -15.16 -10.70
CA VAL A 27 -6.32 -15.19 -9.88
C VAL A 27 -7.17 -16.43 -10.16
N LYS A 28 -7.21 -16.91 -11.40
CA LYS A 28 -8.00 -18.11 -11.68
C LYS A 28 -7.48 -19.31 -10.92
N ALA A 29 -6.17 -19.39 -10.68
CA ALA A 29 -5.63 -20.48 -9.87
C ALA A 29 -6.21 -20.48 -8.46
N ALA A 30 -6.48 -19.30 -7.89
CA ALA A 30 -7.12 -19.27 -6.57
C ALA A 30 -8.58 -19.68 -6.65
N TRP A 31 -9.30 -19.20 -7.67
CA TRP A 31 -10.68 -19.64 -7.88
C TRP A 31 -10.79 -21.15 -7.97
N ALA A 32 -9.85 -21.79 -8.69
CA ALA A 32 -9.92 -23.24 -8.86
C ALA A 32 -9.56 -23.99 -7.58
N GLN A 33 -8.82 -23.39 -6.67
CA GLN A 33 -8.65 -23.99 -5.34
C GLN A 33 -9.90 -23.84 -4.49
N GLY A 34 -10.92 -23.11 -4.96
CA GLY A 34 -12.16 -22.97 -4.24
C GLY A 34 -12.36 -21.65 -3.50
N TYR A 35 -11.52 -20.64 -3.73
CA TYR A 35 -11.59 -19.39 -2.99
C TYR A 35 -12.09 -18.28 -3.91
N THR A 36 -13.25 -17.73 -3.58
CA THR A 36 -13.88 -16.67 -4.34
C THR A 36 -14.28 -15.48 -3.48
N GLY A 37 -14.03 -15.52 -2.17
CA GLY A 37 -14.32 -14.41 -1.28
C GLY A 37 -15.51 -14.59 -0.37
N HIS A 38 -16.16 -15.75 -0.38
N HIS A 38 -16.17 -15.75 -0.38
CA HIS A 38 -17.35 -15.94 0.45
CA HIS A 38 -17.34 -15.99 0.47
C HIS A 38 -17.05 -15.67 1.92
C HIS A 38 -17.04 -15.68 1.92
N GLY A 39 -17.87 -14.85 2.54
CA GLY A 39 -17.74 -14.55 3.95
C GLY A 39 -16.85 -13.37 4.31
N ILE A 40 -16.16 -12.75 3.35
CA ILE A 40 -15.26 -11.64 3.62
C ILE A 40 -15.95 -10.33 3.25
N VAL A 41 -15.65 -9.28 4.01
CA VAL A 41 -16.29 -7.97 3.88
C VAL A 41 -15.22 -6.92 3.56
N VAL A 42 -15.40 -6.18 2.47
CA VAL A 42 -14.48 -5.14 2.04
C VAL A 42 -15.24 -3.81 1.94
N SER A 43 -14.60 -2.72 2.37
CA SER A 43 -15.19 -1.39 2.24
C SER A 43 -14.28 -0.45 1.46
N ILE A 44 -14.88 0.28 0.52
CA ILE A 44 -14.19 1.26 -0.32
C ILE A 44 -14.38 2.64 0.28
N LEU A 45 -13.30 3.27 0.71
CA LEU A 45 -13.35 4.63 1.29
C LEU A 45 -13.13 5.62 0.16
N ASP A 46 -14.21 6.26 -0.31
CA ASP A 46 -14.07 7.08 -1.51
C ASP A 46 -15.21 8.10 -1.62
N ASP A 47 -15.74 8.32 -2.83
CA ASP A 47 -16.78 9.31 -3.07
C ASP A 47 -18.19 8.72 -3.15
N GLY A 48 -18.37 7.48 -2.70
CA GLY A 48 -19.66 6.82 -2.73
C GLY A 48 -19.64 5.54 -3.55
N ILE A 49 -20.74 4.79 -3.47
CA ILE A 49 -20.89 3.53 -4.21
C ILE A 49 -22.33 3.43 -4.74
N GLU A 50 -22.48 3.08 -6.01
CA GLU A 50 -23.81 2.92 -6.60
C GLU A 50 -24.36 1.57 -6.16
N LYS A 51 -25.09 1.58 -5.04
CA LYS A 51 -25.44 0.32 -4.39
C LYS A 51 -26.46 -0.49 -5.18
N ASN A 52 -27.12 0.13 -6.17
CA ASN A 52 -28.09 -0.55 -7.00
C ASN A 52 -27.55 -0.89 -8.39
N HIS A 53 -26.23 -0.83 -8.58
CA HIS A 53 -25.65 -1.18 -9.87
C HIS A 53 -25.91 -2.65 -10.16
N PRO A 54 -26.32 -3.00 -11.39
CA PRO A 54 -26.64 -4.41 -11.69
C PRO A 54 -25.49 -5.38 -11.46
N ASP A 55 -24.23 -4.93 -11.45
CA ASP A 55 -23.13 -5.83 -11.14
C ASP A 55 -22.62 -5.69 -9.71
N LEU A 56 -23.23 -4.83 -8.88
CA LEU A 56 -22.87 -4.73 -7.46
C LEU A 56 -23.99 -5.11 -6.49
N ALA A 57 -25.25 -5.02 -6.91
CA ALA A 57 -26.37 -5.12 -5.97
C ALA A 57 -26.38 -6.46 -5.23
N GLY A 58 -26.04 -7.55 -5.93
CA GLY A 58 -26.08 -8.87 -5.32
C GLY A 58 -25.03 -9.09 -4.24
N ASN A 59 -23.97 -8.29 -4.20
CA ASN A 59 -22.93 -8.40 -3.18
C ASN A 59 -22.94 -7.24 -2.19
N TYR A 60 -23.82 -6.26 -2.35
CA TYR A 60 -23.76 -5.03 -1.55
C TYR A 60 -24.07 -5.31 -0.08
N ASP A 61 -23.36 -4.62 0.80
CA ASP A 61 -23.47 -4.83 2.25
C ASP A 61 -23.65 -3.48 2.95
N PRO A 62 -24.87 -3.17 3.43
CA PRO A 62 -25.06 -1.90 4.14
C PRO A 62 -24.26 -1.79 5.44
N GLY A 63 -23.93 -2.93 6.09
CA GLY A 63 -23.10 -2.87 7.28
C GLY A 63 -21.66 -2.44 7.01
N ALA A 64 -21.25 -2.40 5.75
CA ALA A 64 -19.92 -1.97 5.36
C ALA A 64 -19.91 -0.57 4.78
N SER A 65 -20.97 0.21 5.02
CA SER A 65 -21.19 1.46 4.30
C SER A 65 -21.65 2.55 5.26
N PHE A 66 -21.38 3.80 4.87
CA PHE A 66 -21.85 4.97 5.59
C PHE A 66 -21.54 6.21 4.75
N ASP A 67 -22.27 7.29 5.00
CA ASP A 67 -22.08 8.58 4.33
C ASP A 67 -21.59 9.55 5.39
N VAL A 68 -20.27 9.74 5.46
CA VAL A 68 -19.67 10.66 6.42
C VAL A 68 -19.87 12.11 5.99
N ASN A 69 -19.90 12.36 4.68
CA ASN A 69 -20.01 13.74 4.20
C ASN A 69 -21.35 14.37 4.59
N ASP A 70 -22.44 13.60 4.50
CA ASP A 70 -23.78 14.10 4.81
C ASP A 70 -24.36 13.52 6.09
N GLN A 71 -23.62 12.67 6.80
CA GLN A 71 -24.05 12.12 8.10
C GLN A 71 -25.36 11.35 7.97
N ASP A 72 -25.34 10.31 7.14
CA ASP A 72 -26.46 9.38 7.02
C ASP A 72 -25.89 8.03 6.61
N PRO A 73 -26.72 6.97 6.65
CA PRO A 73 -26.19 5.64 6.34
C PRO A 73 -26.10 5.28 4.86
N ASP A 74 -26.65 6.09 3.95
CA ASP A 74 -26.78 5.73 2.54
C ASP A 74 -25.63 6.33 1.74
N PRO A 75 -24.71 5.50 1.19
CA PRO A 75 -23.52 6.07 0.51
C PRO A 75 -23.69 6.37 -0.97
N GLN A 76 -24.92 6.52 -1.45
CA GLN A 76 -25.16 6.72 -2.88
C GLN A 76 -24.38 7.96 -3.36
N PRO A 77 -23.72 7.90 -4.50
CA PRO A 77 -22.95 9.07 -4.96
C PRO A 77 -23.87 10.19 -5.45
N ARG A 78 -23.30 11.39 -5.49
CA ARG A 78 -24.00 12.59 -5.96
C ARG A 78 -23.86 12.68 -7.48
N TYR A 79 -25.00 12.73 -8.18
CA TYR A 79 -24.97 12.71 -9.65
C TYR A 79 -24.79 14.12 -10.20
N THR A 80 -23.88 14.27 -11.16
CA THR A 80 -23.58 15.55 -11.80
C THR A 80 -23.34 15.32 -13.29
N GLN A 81 -23.42 16.42 -14.06
CA GLN A 81 -23.23 16.34 -15.51
C GLN A 81 -21.85 15.80 -15.87
N MET A 82 -20.84 16.09 -15.05
CA MET A 82 -19.49 15.62 -15.34
C MET A 82 -19.20 14.22 -14.84
N ASN A 83 -20.11 13.60 -14.09
CA ASN A 83 -19.90 12.27 -13.51
C ASN A 83 -18.63 12.23 -12.66
N ASP A 84 -18.45 13.28 -11.83
CA ASP A 84 -17.25 13.39 -11.01
C ASP A 84 -17.19 12.31 -9.93
N ASN A 85 -18.34 11.84 -9.46
CA ASN A 85 -18.41 10.89 -8.35
C ASN A 85 -18.50 9.44 -8.81
N ARG A 86 -17.86 9.11 -9.93
CA ARG A 86 -17.81 7.76 -10.46
C ARG A 86 -16.67 6.93 -9.84
N HIS A 87 -15.77 7.56 -9.10
CA HIS A 87 -14.48 6.96 -8.76
C HIS A 87 -14.64 5.77 -7.82
N GLY A 88 -15.47 5.91 -6.78
CA GLY A 88 -15.65 4.83 -5.82
C GLY A 88 -16.37 3.62 -6.41
N THR A 89 -17.35 3.85 -7.29
CA THR A 89 -18.03 2.75 -7.97
C THR A 89 -17.08 1.94 -8.84
N ARG A 90 -16.19 2.62 -9.58
CA ARG A 90 -15.17 1.93 -10.37
C ARG A 90 -14.25 1.08 -9.47
N CYS A 91 -13.85 1.61 -8.31
CA CYS A 91 -12.99 0.83 -7.43
C CYS A 91 -13.72 -0.40 -6.88
N ALA A 92 -15.00 -0.25 -6.52
CA ALA A 92 -15.73 -1.36 -5.91
C ALA A 92 -15.88 -2.56 -6.86
N GLY A 93 -16.14 -2.29 -8.15
CA GLY A 93 -16.32 -3.38 -9.10
C GLY A 93 -15.06 -4.20 -9.32
N GLU A 94 -13.89 -3.59 -9.13
CA GLU A 94 -12.65 -4.36 -9.23
C GLU A 94 -12.58 -5.43 -8.14
N VAL A 95 -13.10 -5.10 -6.95
CA VAL A 95 -13.05 -6.04 -5.84
C VAL A 95 -14.09 -7.14 -5.99
N ALA A 96 -15.36 -6.76 -6.24
CA ALA A 96 -16.46 -7.68 -5.98
C ALA A 96 -17.63 -7.54 -6.98
N ALA A 97 -17.33 -7.29 -8.25
CA ALA A 97 -18.41 -7.35 -9.24
C ALA A 97 -18.95 -8.78 -9.38
N VAL A 98 -20.27 -8.91 -9.50
CA VAL A 98 -20.92 -10.22 -9.51
C VAL A 98 -20.50 -11.02 -10.73
N ALA A 99 -20.35 -12.35 -10.57
CA ALA A 99 -19.96 -13.22 -11.67
C ALA A 99 -21.16 -13.97 -12.26
N ASN A 100 -21.00 -14.39 -13.52
CA ASN A 100 -21.96 -15.28 -14.21
C ASN A 100 -23.39 -14.72 -14.21
N ASN A 101 -23.52 -13.42 -14.48
CA ASN A 101 -24.84 -12.79 -14.47
C ASN A 101 -25.10 -11.98 -15.75
N GLY A 102 -24.32 -12.23 -16.81
CA GLY A 102 -24.53 -11.57 -18.08
C GLY A 102 -24.24 -10.09 -18.13
N VAL A 103 -23.56 -9.52 -17.13
CA VAL A 103 -23.33 -8.09 -17.02
C VAL A 103 -21.83 -7.83 -16.83
N CYS A 104 -21.25 -6.98 -17.67
CA CYS A 104 -19.87 -6.42 -17.53
C CYS A 104 -18.88 -7.58 -17.30
N GLY A 105 -17.97 -7.47 -16.33
CA GLY A 105 -16.99 -8.51 -16.03
C GLY A 105 -17.17 -9.09 -14.64
N VAL A 106 -16.08 -9.41 -13.92
CA VAL A 106 -16.18 -9.98 -12.58
C VAL A 106 -15.13 -9.32 -11.66
N GLY A 107 -15.44 -9.30 -10.36
CA GLY A 107 -14.46 -8.90 -9.36
C GLY A 107 -13.43 -9.98 -9.08
N VAL A 108 -12.29 -9.58 -8.51
CA VAL A 108 -11.31 -10.56 -8.05
C VAL A 108 -11.94 -11.50 -7.03
N ALA A 109 -12.72 -10.95 -6.11
CA ALA A 109 -13.39 -11.72 -5.07
C ALA A 109 -14.89 -11.62 -5.31
N TYR A 110 -15.38 -12.29 -6.35
CA TYR A 110 -16.73 -11.99 -6.84
C TYR A 110 -17.85 -12.54 -5.96
N ASN A 111 -17.54 -13.24 -4.87
CA ASN A 111 -18.53 -13.66 -3.89
C ASN A 111 -18.36 -13.00 -2.54
N ALA A 112 -17.47 -12.01 -2.43
CA ALA A 112 -17.31 -11.25 -1.20
C ALA A 112 -18.43 -10.21 -1.05
N ARG A 113 -18.58 -9.69 0.16
CA ARG A 113 -19.51 -8.60 0.41
C ARG A 113 -18.78 -7.27 0.31
N ILE A 114 -19.43 -6.27 -0.27
CA ILE A 114 -18.78 -5.01 -0.66
C ILE A 114 -19.61 -3.83 -0.18
N GLY A 115 -18.95 -2.84 0.43
CA GLY A 115 -19.59 -1.60 0.82
C GLY A 115 -18.75 -0.40 0.43
N GLY A 116 -19.28 0.78 0.72
CA GLY A 116 -18.56 2.01 0.47
C GLY A 116 -18.81 3.05 1.53
N VAL A 117 -17.78 3.84 1.83
CA VAL A 117 -17.91 5.01 2.70
C VAL A 117 -17.80 6.26 1.84
N ARG A 118 -18.87 7.06 1.84
CA ARG A 118 -18.85 8.33 1.11
C ARG A 118 -18.19 9.37 1.99
N MET A 119 -16.92 9.69 1.69
CA MET A 119 -16.17 10.64 2.51
C MET A 119 -15.29 11.63 1.74
N LEU A 120 -15.08 11.47 0.44
CA LEU A 120 -14.28 12.44 -0.33
C LEU A 120 -15.09 13.60 -0.91
N ASP A 121 -16.43 13.53 -0.92
CA ASP A 121 -17.25 14.55 -1.59
C ASP A 121 -17.60 15.65 -0.59
N GLY A 122 -16.58 16.42 -0.25
CA GLY A 122 -16.67 17.44 0.78
C GLY A 122 -15.28 17.76 1.29
N GLU A 123 -15.23 18.60 2.33
CA GLU A 123 -13.96 18.92 2.96
C GLU A 123 -13.47 17.73 3.79
N VAL A 124 -12.28 17.23 3.49
CA VAL A 124 -11.76 15.99 4.09
C VAL A 124 -10.89 16.40 5.27
N THR A 125 -11.51 16.47 6.45
CA THR A 125 -10.79 16.83 7.68
C THR A 125 -10.20 15.60 8.33
N ASP A 126 -9.42 15.84 9.39
CA ASP A 126 -8.89 14.74 10.21
C ASP A 126 -10.02 13.91 10.82
N ALA A 127 -11.06 14.58 11.34
CA ALA A 127 -12.20 13.85 11.88
C ALA A 127 -12.91 13.00 10.81
N VAL A 128 -13.02 13.51 9.57
CA VAL A 128 -13.69 12.74 8.52
C VAL A 128 -12.93 11.46 8.21
N GLU A 129 -11.59 11.56 8.08
CA GLU A 129 -10.76 10.38 7.86
C GLU A 129 -10.92 9.37 9.00
N ALA A 130 -10.87 9.85 10.25
CA ALA A 130 -10.89 8.96 11.40
C ALA A 130 -12.21 8.19 11.50
N ARG A 131 -13.33 8.86 11.21
N ARG A 131 -13.33 8.85 11.21
CA ARG A 131 -14.63 8.20 11.26
CA ARG A 131 -14.62 8.18 11.28
C ARG A 131 -14.77 7.14 10.17
C ARG A 131 -14.79 7.16 10.16
N SER A 132 -14.08 7.33 9.03
CA SER A 132 -14.14 6.36 7.94
C SER A 132 -13.23 5.15 8.21
N LEU A 133 -11.98 5.41 8.62
CA LEU A 133 -11.05 4.32 8.94
C LEU A 133 -11.53 3.49 10.13
N GLY A 134 -12.31 4.08 11.03
CA GLY A 134 -12.79 3.37 12.20
C GLY A 134 -14.22 2.84 12.11
N LEU A 135 -14.77 2.74 10.90
CA LEU A 135 -16.16 2.30 10.74
C LEU A 135 -16.31 0.79 10.99
N ASN A 136 -17.24 0.43 11.87
CA ASN A 136 -17.69 -0.95 12.09
C ASN A 136 -16.54 -1.94 12.07
N PRO A 137 -15.52 -1.77 12.93
CA PRO A 137 -14.28 -2.54 12.75
C PRO A 137 -14.36 -4.01 13.14
N ASN A 138 -15.46 -4.47 13.74
CA ASN A 138 -15.65 -5.90 13.97
C ASN A 138 -16.53 -6.56 12.92
N HIS A 139 -16.92 -5.82 11.89
CA HIS A 139 -17.65 -6.37 10.74
C HIS A 139 -16.86 -6.26 9.45
N ILE A 140 -16.27 -5.10 9.17
CA ILE A 140 -15.44 -4.92 7.97
C ILE A 140 -14.07 -5.56 8.23
N HIS A 141 -13.57 -6.32 7.25
CA HIS A 141 -12.27 -6.97 7.37
C HIS A 141 -11.15 -6.16 6.72
N ILE A 142 -11.45 -5.56 5.57
CA ILE A 142 -10.46 -4.95 4.69
C ILE A 142 -10.97 -3.59 4.23
N TYR A 143 -10.13 -2.56 4.35
CA TYR A 143 -10.41 -1.20 3.90
C TYR A 143 -9.48 -0.86 2.74
N SER A 144 -10.04 -0.22 1.69
CA SER A 144 -9.29 0.14 0.49
C SER A 144 -9.40 1.64 0.25
N ALA A 145 -8.26 2.32 0.03
CA ALA A 145 -8.21 3.77 -0.10
C ALA A 145 -7.39 4.18 -1.32
N SER A 146 -8.06 4.73 -2.32
CA SER A 146 -7.40 5.25 -3.53
C SER A 146 -7.40 6.78 -3.54
N TRP A 147 -6.85 7.39 -2.49
CA TRP A 147 -6.76 8.84 -2.32
C TRP A 147 -5.62 9.13 -1.37
N GLY A 148 -5.21 10.40 -1.30
CA GLY A 148 -4.21 10.84 -0.35
C GLY A 148 -3.82 12.30 -0.50
N PRO A 149 -2.69 12.68 0.09
CA PRO A 149 -2.21 14.07 -0.04
C PRO A 149 -1.82 14.40 -1.47
N GLU A 150 -1.77 15.71 -1.77
CA GLU A 150 -1.50 16.17 -3.12
C GLU A 150 -0.18 15.62 -3.66
N ASP A 151 -0.21 15.22 -4.93
CA ASP A 151 0.97 14.72 -5.65
C ASP A 151 1.68 15.82 -6.42
N ASP A 152 1.88 17.00 -5.84
CA ASP A 152 2.54 18.06 -6.57
C ASP A 152 4.06 17.97 -6.50
N GLY A 153 4.60 17.02 -5.74
CA GLY A 153 6.03 16.89 -5.64
C GLY A 153 6.68 17.86 -4.69
N LYS A 154 5.89 18.57 -3.86
CA LYS A 154 6.47 19.42 -2.83
C LYS A 154 5.79 19.29 -1.47
N THR A 155 4.75 18.46 -1.34
CA THR A 155 4.02 18.28 -0.09
C THR A 155 4.68 17.21 0.77
N VAL A 156 4.75 17.46 2.09
CA VAL A 156 5.06 16.43 3.09
C VAL A 156 3.88 16.40 4.06
N ASP A 157 3.12 15.31 4.07
CA ASP A 157 1.89 15.30 4.87
C ASP A 157 1.48 13.87 5.18
N GLY A 158 0.83 13.69 6.33
CA GLY A 158 0.33 12.40 6.74
C GLY A 158 -0.86 12.52 7.68
N PRO A 159 -1.28 11.40 8.26
CA PRO A 159 -2.46 11.42 9.14
C PRO A 159 -2.22 12.29 10.38
N ALA A 160 -3.23 13.11 10.70
CA ALA A 160 -3.22 13.89 11.93
C ALA A 160 -3.66 12.99 13.09
N ARG A 161 -3.89 13.58 14.28
CA ARG A 161 -3.99 12.80 15.51
C ARG A 161 -5.16 11.81 15.48
N LEU A 162 -6.36 12.26 15.09
CA LEU A 162 -7.52 11.35 15.10
C LEU A 162 -7.33 10.19 14.12
N ALA A 163 -6.79 10.48 12.94
CA ALA A 163 -6.60 9.44 11.94
C ALA A 163 -5.53 8.44 12.36
N GLU A 164 -4.43 8.92 12.94
CA GLU A 164 -3.41 7.99 13.45
C GLU A 164 -3.97 7.13 14.58
N GLU A 165 -4.79 7.73 15.46
CA GLU A 165 -5.46 6.95 16.50
C GLU A 165 -6.36 5.88 15.90
N ALA A 166 -7.02 6.18 14.77
CA ALA A 166 -7.86 5.19 14.11
C ALA A 166 -7.05 4.03 13.57
N PHE A 167 -5.86 4.30 12.99
CA PHE A 167 -4.98 3.22 12.55
C PHE A 167 -4.58 2.32 13.73
N PHE A 168 -4.21 2.90 14.87
CA PHE A 168 -3.73 2.03 15.96
C PHE A 168 -4.88 1.24 16.58
N ARG A 169 -6.06 1.86 16.73
CA ARG A 169 -7.22 1.12 17.22
C ARG A 169 -7.59 -0.02 16.28
N GLY A 170 -7.45 0.22 14.97
CA GLY A 170 -7.82 -0.80 13.99
C GLY A 170 -6.91 -2.03 14.01
N VAL A 171 -5.59 -1.81 14.01
CA VAL A 171 -4.69 -2.97 14.01
C VAL A 171 -4.63 -3.65 15.38
N SER A 172 -4.99 -2.94 16.46
CA SER A 172 -4.93 -3.54 17.80
C SER A 172 -6.20 -4.28 18.19
N GLN A 173 -7.36 -3.63 18.08
CA GLN A 173 -8.62 -4.23 18.51
C GLN A 173 -9.55 -4.63 17.38
N GLY A 174 -9.32 -4.17 16.14
CA GLY A 174 -10.20 -4.52 15.04
C GLY A 174 -10.13 -5.99 14.67
N ARG A 175 -11.21 -6.47 14.03
CA ARG A 175 -11.30 -7.84 13.51
C ARG A 175 -11.04 -8.86 14.62
N GLY A 176 -11.68 -8.64 15.77
CA GLY A 176 -11.54 -9.55 16.88
C GLY A 176 -10.17 -9.56 17.53
N GLY A 177 -9.41 -8.46 17.44
CA GLY A 177 -8.06 -8.43 17.94
C GLY A 177 -7.01 -8.89 16.97
N LEU A 178 -7.39 -9.38 15.79
CA LEU A 178 -6.40 -9.76 14.79
C LEU A 178 -5.90 -8.56 13.99
N GLY A 179 -6.67 -7.46 13.94
CA GLY A 179 -6.25 -6.24 13.26
C GLY A 179 -6.86 -5.98 11.90
N SER A 180 -7.43 -4.78 11.73
CA SER A 180 -7.97 -4.37 10.43
C SER A 180 -6.87 -4.39 9.37
N ILE A 181 -7.27 -4.68 8.13
CA ILE A 181 -6.36 -4.66 6.99
C ILE A 181 -6.61 -3.37 6.19
N PHE A 182 -5.58 -2.52 6.10
CA PHE A 182 -5.65 -1.25 5.38
C PHE A 182 -4.80 -1.32 4.11
N VAL A 183 -5.43 -1.15 2.93
CA VAL A 183 -4.74 -1.19 1.64
C VAL A 183 -4.73 0.22 1.05
N TRP A 184 -3.56 0.68 0.56
CA TRP A 184 -3.39 2.05 0.09
C TRP A 184 -2.77 2.11 -1.31
N ALA A 185 -3.26 3.04 -2.14
CA ALA A 185 -2.64 3.30 -3.44
C ALA A 185 -1.43 4.23 -3.25
N SER A 186 -0.28 3.84 -3.82
CA SER A 186 0.96 4.57 -3.49
C SER A 186 1.05 5.96 -4.09
N GLY A 187 0.32 6.30 -5.16
CA GLY A 187 0.27 7.68 -5.63
C GLY A 187 0.41 7.88 -7.13
N ASN A 188 0.00 9.07 -7.61
CA ASN A 188 0.06 9.42 -9.03
C ASN A 188 1.11 10.49 -9.37
N GLY A 189 2.10 10.69 -8.52
CA GLY A 189 3.01 11.83 -8.67
C GLY A 189 4.23 11.65 -9.55
N GLY A 190 4.22 10.65 -10.44
CA GLY A 190 5.41 10.33 -11.21
C GLY A 190 5.90 11.49 -12.06
N ARG A 191 4.98 12.21 -12.71
CA ARG A 191 5.37 13.30 -13.60
C ARG A 191 6.03 14.46 -12.83
N GLU A 192 5.68 14.63 -11.55
CA GLU A 192 6.28 15.64 -10.69
C GLU A 192 7.51 15.13 -9.93
N HIS A 193 7.98 13.92 -10.22
CA HIS A 193 9.09 13.30 -9.48
C HIS A 193 8.81 13.23 -7.99
N ASP A 194 7.56 12.91 -7.63
CA ASP A 194 7.16 12.80 -6.23
C ASP A 194 7.76 11.54 -5.60
N SER A 195 7.84 11.55 -4.27
CA SER A 195 8.31 10.41 -3.48
C SER A 195 7.19 9.94 -2.56
N CYS A 196 6.85 8.65 -2.61
CA CYS A 196 5.79 8.17 -1.74
C CYS A 196 6.26 7.97 -0.29
N ASN A 197 7.52 8.27 0.04
CA ASN A 197 7.90 8.34 1.45
C ASN A 197 7.52 9.67 2.09
N CYS A 198 7.14 10.68 1.29
CA CYS A 198 6.67 11.97 1.78
C CYS A 198 5.16 12.01 1.99
N ASP A 199 4.52 10.84 1.99
CA ASP A 199 3.07 10.66 2.14
C ASP A 199 2.92 9.78 3.36
N GLY A 200 2.34 10.30 4.43
CA GLY A 200 2.33 9.55 5.68
C GLY A 200 1.39 8.34 5.67
N TYR A 201 0.45 8.28 4.73
CA TYR A 201 -0.49 7.17 4.66
C TYR A 201 0.17 5.94 4.05
N THR A 202 0.86 6.11 2.92
CA THR A 202 1.59 5.02 2.28
C THR A 202 2.80 4.61 3.11
N ASN A 203 3.47 5.59 3.71
CA ASN A 203 4.68 5.40 4.53
C ASN A 203 4.42 4.69 5.86
N SER A 204 3.15 4.56 6.28
CA SER A 204 2.80 3.93 7.56
C SER A 204 3.07 2.43 7.55
N ILE A 205 3.48 1.89 8.70
CA ILE A 205 3.64 0.44 8.80
C ILE A 205 2.30 -0.29 8.81
N TYR A 206 1.21 0.41 9.15
CA TYR A 206 -0.11 -0.22 9.26
C TYR A 206 -0.86 -0.36 7.95
N THR A 207 -0.33 0.17 6.83
CA THR A 207 -0.97 0.02 5.52
C THR A 207 -0.08 -0.80 4.59
N LEU A 208 -0.71 -1.58 3.70
CA LEU A 208 0.01 -2.20 2.59
C LEU A 208 -0.05 -1.27 1.39
N SER A 209 1.07 -0.62 1.07
CA SER A 209 1.13 0.35 0.00
C SER A 209 1.46 -0.36 -1.31
N ILE A 210 0.62 -0.14 -2.34
CA ILE A 210 0.64 -0.92 -3.58
C ILE A 210 0.94 0.00 -4.76
N SER A 211 1.94 -0.38 -5.59
CA SER A 211 2.29 0.34 -6.82
C SER A 211 1.75 -0.38 -8.07
N SER A 212 2.09 0.15 -9.27
CA SER A 212 1.48 -0.26 -10.54
C SER A 212 2.51 -0.72 -11.56
N ALA A 213 2.09 -1.64 -12.46
CA ALA A 213 2.86 -1.99 -13.65
C ALA A 213 1.95 -1.96 -14.88
N THR A 214 2.53 -1.60 -16.03
CA THR A 214 1.78 -1.64 -17.29
C THR A 214 1.71 -3.06 -17.86
N GLN A 215 0.83 -3.25 -18.86
CA GLN A 215 0.62 -4.57 -19.46
C GLN A 215 1.93 -5.17 -19.97
N PHE A 216 2.77 -4.37 -20.60
CA PHE A 216 4.05 -4.90 -21.09
C PHE A 216 5.12 -4.94 -20.00
N GLY A 217 4.77 -4.72 -18.73
CA GLY A 217 5.71 -4.87 -17.63
C GLY A 217 6.65 -3.72 -17.38
N ASN A 218 6.21 -2.48 -17.57
CA ASN A 218 7.05 -1.31 -17.37
C ASN A 218 6.50 -0.44 -16.24
N VAL A 219 7.33 0.51 -15.80
CA VAL A 219 6.96 1.49 -14.77
C VAL A 219 6.11 2.59 -15.40
N PRO A 220 4.84 2.73 -15.03
CA PRO A 220 3.96 3.70 -15.69
C PRO A 220 4.40 5.13 -15.45
N TRP A 221 3.93 6.03 -16.33
CA TRP A 221 4.29 7.45 -16.23
C TRP A 221 3.93 8.06 -14.87
N TYR A 222 2.83 7.62 -14.26
CA TYR A 222 2.34 8.20 -13.00
C TYR A 222 2.99 7.61 -11.75
N SER A 223 3.81 6.57 -11.88
CA SER A 223 4.31 5.84 -10.71
C SER A 223 5.28 6.66 -9.86
N GLU A 224 5.15 6.56 -8.53
CA GLU A 224 6.08 7.14 -7.57
C GLU A 224 6.95 6.05 -6.95
N ALA A 225 8.26 6.30 -6.88
CA ALA A 225 9.19 5.35 -6.28
C ALA A 225 9.48 5.73 -4.82
N CYS A 226 9.59 4.72 -3.96
CA CYS A 226 10.02 4.93 -2.56
C CYS A 226 10.25 3.59 -1.88
N SER A 227 10.90 3.64 -0.71
CA SER A 227 11.23 2.43 0.02
C SER A 227 10.08 1.85 0.83
N SER A 228 8.98 2.60 1.04
CA SER A 228 7.88 2.06 1.85
C SER A 228 6.90 1.18 1.06
N THR A 229 6.96 1.19 -0.28
CA THR A 229 6.05 0.35 -1.06
C THR A 229 6.31 -1.14 -0.77
N LEU A 230 5.24 -1.94 -0.74
CA LEU A 230 5.36 -3.36 -0.43
C LEU A 230 5.26 -4.27 -1.66
N ALA A 231 4.33 -4.03 -2.58
CA ALA A 231 4.15 -4.90 -3.75
C ALA A 231 3.36 -4.15 -4.82
N THR A 232 3.01 -4.87 -5.90
CA THR A 232 2.52 -4.26 -7.15
C THR A 232 1.34 -5.05 -7.74
N THR A 233 0.39 -4.33 -8.38
CA THR A 233 -0.58 -4.98 -9.26
C THR A 233 -0.62 -4.23 -10.60
N TYR A 234 -1.18 -4.89 -11.62
CA TYR A 234 -1.30 -4.24 -12.94
C TYR A 234 -2.26 -3.05 -12.91
N SER A 235 -1.95 -2.07 -13.77
CA SER A 235 -2.88 -0.98 -14.09
C SER A 235 -2.59 -0.47 -15.50
N SER A 236 -2.89 0.79 -15.78
CA SER A 236 -2.82 1.31 -17.14
C SER A 236 -1.40 1.78 -17.47
N GLY A 237 -1.17 2.05 -18.76
CA GLY A 237 0.11 2.53 -19.29
C GLY A 237 -0.09 3.44 -20.50
N ASN A 238 0.55 3.12 -21.63
CA ASN A 238 0.38 3.94 -22.83
C ASN A 238 -0.87 3.52 -23.60
N GLN A 239 -1.12 4.16 -24.76
CA GLN A 239 -2.38 3.90 -25.44
C GLN A 239 -2.37 2.64 -26.29
N ASN A 240 -1.24 1.93 -26.38
CA ASN A 240 -1.23 0.60 -26.97
C ASN A 240 -1.44 -0.51 -25.94
N GLU A 241 -1.46 -0.18 -24.65
CA GLU A 241 -1.61 -1.16 -23.57
C GLU A 241 -3.05 -1.13 -23.04
N LYS A 242 -3.57 -2.31 -22.67
CA LYS A 242 -4.95 -2.40 -22.22
C LYS A 242 -5.11 -1.85 -20.80
N GLN A 243 -6.37 -1.59 -20.40
CA GLN A 243 -6.66 -0.96 -19.12
C GLN A 243 -7.57 -1.83 -18.27
N ILE A 244 -8.19 -1.28 -17.21
CA ILE A 244 -8.92 -2.08 -16.23
C ILE A 244 -10.42 -2.02 -16.49
N VAL A 245 -11.08 -3.16 -16.37
CA VAL A 245 -12.50 -3.33 -16.69
C VAL A 245 -13.32 -3.35 -15.41
N THR A 246 -14.35 -2.49 -15.31
CA THR A 246 -15.08 -2.43 -14.05
C THR A 246 -16.45 -1.76 -14.24
N THR A 247 -17.21 -1.74 -13.14
CA THR A 247 -18.51 -1.08 -13.05
C THR A 247 -18.36 0.43 -13.06
N ASP A 248 -19.25 1.12 -13.78
CA ASP A 248 -19.20 2.57 -13.91
C ASP A 248 -20.52 3.19 -13.44
N LEU A 249 -20.46 4.50 -13.19
CA LEU A 249 -21.63 5.25 -12.75
C LEU A 249 -22.77 5.16 -13.77
N ARG A 250 -24.00 5.28 -13.26
CA ARG A 250 -25.23 5.20 -14.07
C ARG A 250 -25.42 3.79 -14.66
N GLN A 251 -25.03 2.77 -13.89
CA GLN A 251 -25.32 1.38 -14.22
C GLN A 251 -24.64 0.94 -15.51
N LYS A 252 -23.50 1.55 -15.84
CA LYS A 252 -22.76 1.26 -17.06
C LYS A 252 -21.53 0.40 -16.73
N CYS A 253 -20.82 0.01 -17.78
CA CYS A 253 -19.60 -0.77 -17.72
C CYS A 253 -18.48 0.01 -18.41
N THR A 254 -17.29 0.02 -17.83
CA THR A 254 -16.16 0.73 -18.44
C THR A 254 -14.98 -0.20 -18.65
N GLU A 255 -14.22 0.08 -19.71
CA GLU A 255 -12.96 -0.62 -19.95
C GLU A 255 -11.76 0.32 -19.86
N SER A 256 -11.91 1.50 -19.27
N SER A 256 -11.91 1.50 -19.25
CA SER A 256 -10.86 2.51 -19.29
CA SER A 256 -10.89 2.54 -19.28
C SER A 256 -10.58 3.08 -17.90
C SER A 256 -10.58 3.08 -17.88
N HIS A 257 -10.57 2.22 -16.87
CA HIS A 257 -10.16 2.64 -15.52
C HIS A 257 -8.64 2.60 -15.43
N THR A 258 -8.04 3.61 -14.77
CA THR A 258 -6.62 3.90 -14.96
C THR A 258 -5.95 4.33 -13.65
N GLY A 259 -4.61 4.38 -13.68
CA GLY A 259 -3.82 5.03 -12.64
C GLY A 259 -3.60 4.21 -11.38
N THR A 260 -2.96 4.87 -10.40
CA THR A 260 -2.74 4.25 -9.10
C THR A 260 -4.06 3.82 -8.46
N SER A 261 -5.15 4.52 -8.79
CA SER A 261 -6.46 4.22 -8.20
C SER A 261 -6.91 2.79 -8.46
N ALA A 262 -6.53 2.21 -9.61
CA ALA A 262 -7.00 0.87 -9.94
C ALA A 262 -6.15 -0.23 -9.30
N SER A 263 -4.93 0.08 -8.82
CA SER A 263 -4.07 -0.97 -8.29
C SER A 263 -4.48 -1.41 -6.88
N ALA A 264 -4.80 -0.48 -5.98
CA ALA A 264 -5.15 -0.88 -4.63
C ALA A 264 -6.38 -1.78 -4.55
N PRO A 265 -7.48 -1.53 -5.28
CA PRO A 265 -8.63 -2.45 -5.20
C PRO A 265 -8.32 -3.87 -5.65
N LEU A 266 -7.50 -4.06 -6.67
CA LEU A 266 -7.13 -5.42 -7.06
C LEU A 266 -6.39 -6.12 -5.92
N ALA A 267 -5.48 -5.41 -5.24
CA ALA A 267 -4.79 -5.99 -4.09
C ALA A 267 -5.77 -6.32 -2.97
N ALA A 268 -6.76 -5.45 -2.73
CA ALA A 268 -7.75 -5.73 -1.70
C ALA A 268 -8.53 -7.00 -2.02
N GLY A 269 -8.87 -7.21 -3.29
CA GLY A 269 -9.57 -8.43 -3.67
C GLY A 269 -8.74 -9.68 -3.46
N ILE A 270 -7.46 -9.63 -3.83
CA ILE A 270 -6.56 -10.77 -3.60
C ILE A 270 -6.40 -11.05 -2.11
N ILE A 271 -6.31 -10.00 -1.29
CA ILE A 271 -6.25 -10.21 0.15
C ILE A 271 -7.54 -10.82 0.67
N ALA A 272 -8.68 -10.50 0.06
CA ALA A 272 -9.95 -11.11 0.46
C ALA A 272 -9.95 -12.61 0.23
N LEU A 273 -9.45 -13.05 -0.94
CA LEU A 273 -9.31 -14.49 -1.20
C LEU A 273 -8.41 -15.14 -0.16
N THR A 274 -7.34 -14.45 0.24
CA THR A 274 -6.39 -15.01 1.20
C THR A 274 -7.02 -15.18 2.59
N LEU A 275 -7.82 -14.20 3.04
CA LEU A 275 -8.50 -14.31 4.33
C LEU A 275 -9.53 -15.43 4.33
N GLU A 276 -10.22 -15.66 3.21
CA GLU A 276 -11.14 -16.81 3.16
C GLU A 276 -10.38 -18.12 3.37
N ALA A 277 -9.15 -18.21 2.84
CA ALA A 277 -8.35 -19.42 3.00
C ALA A 277 -7.83 -19.61 4.42
N ASN A 278 -7.72 -18.55 5.23
CA ASN A 278 -7.32 -18.69 6.63
C ASN A 278 -7.83 -17.44 7.35
N LYS A 279 -8.99 -17.55 8.00
CA LYS A 279 -9.60 -16.40 8.66
C LYS A 279 -8.84 -15.97 9.93
N ASN A 280 -7.84 -16.73 10.38
CA ASN A 280 -7.11 -16.41 11.60
C ASN A 280 -5.85 -15.57 11.36
N LEU A 281 -5.61 -15.11 10.14
CA LEU A 281 -4.40 -14.35 9.84
C LEU A 281 -4.47 -12.96 10.47
N THR A 282 -3.36 -12.53 11.10
CA THR A 282 -3.28 -11.19 11.67
C THR A 282 -2.86 -10.17 10.61
N TRP A 283 -2.93 -8.89 10.97
CA TRP A 283 -2.53 -7.83 10.05
C TRP A 283 -1.08 -7.98 9.65
N ARG A 284 -0.22 -8.44 10.59
CA ARG A 284 1.19 -8.68 10.28
C ARG A 284 1.40 -9.97 9.48
N ASP A 285 0.66 -11.04 9.79
CA ASP A 285 0.69 -12.24 8.94
C ASP A 285 0.50 -11.86 7.47
N MET A 286 -0.49 -11.01 7.19
CA MET A 286 -0.83 -10.70 5.80
C MET A 286 0.35 -10.05 5.07
N GLN A 287 1.11 -9.20 5.76
CA GLN A 287 2.25 -8.57 5.11
C GLN A 287 3.38 -9.57 4.89
N HIS A 288 3.59 -10.49 5.85
CA HIS A 288 4.56 -11.57 5.63
C HIS A 288 4.21 -12.40 4.38
N LEU A 289 2.93 -12.75 4.20
CA LEU A 289 2.53 -13.54 3.04
C LEU A 289 2.83 -12.79 1.73
N VAL A 290 2.54 -11.48 1.70
CA VAL A 290 2.83 -10.67 0.51
C VAL A 290 4.32 -10.66 0.22
N VAL A 291 5.17 -10.51 1.25
CA VAL A 291 6.61 -10.46 1.03
C VAL A 291 7.13 -11.77 0.43
N GLN A 292 6.65 -12.90 0.97
CA GLN A 292 7.18 -14.21 0.56
C GLN A 292 6.68 -14.65 -0.83
N THR A 293 5.47 -14.24 -1.25
CA THR A 293 4.89 -14.82 -2.47
C THR A 293 4.96 -13.91 -3.70
N SER A 294 5.31 -12.63 -3.56
CA SER A 294 5.23 -11.72 -4.71
C SER A 294 6.38 -11.99 -5.70
N LYS A 295 6.14 -11.65 -6.96
CA LYS A 295 6.96 -12.14 -8.08
C LYS A 295 7.62 -11.00 -8.86
N PRO A 296 8.96 -10.90 -8.85
CA PRO A 296 9.63 -9.85 -9.64
C PRO A 296 9.65 -10.12 -11.14
N ALA A 297 9.50 -11.38 -11.57
CA ALA A 297 9.94 -11.78 -12.91
C ALA A 297 9.32 -10.93 -14.01
N HIS A 298 10.17 -10.45 -14.91
CA HIS A 298 9.79 -9.73 -16.14
C HIS A 298 9.20 -8.35 -15.89
N LEU A 299 9.20 -7.85 -14.65
CA LEU A 299 8.97 -6.43 -14.44
C LEU A 299 10.29 -5.69 -14.69
N ASN A 300 10.25 -4.68 -15.56
CA ASN A 300 11.45 -3.94 -15.94
C ASN A 300 11.69 -2.75 -15.02
N ALA A 301 12.90 -2.66 -14.46
CA ALA A 301 13.35 -1.51 -13.67
C ALA A 301 14.86 -1.51 -13.63
N ASN A 302 15.45 -0.34 -13.45
CA ASN A 302 16.91 -0.28 -13.39
C ASN A 302 17.48 -0.40 -11.98
N ASP A 303 16.64 -0.62 -10.96
CA ASP A 303 17.12 -0.60 -9.58
C ASP A 303 16.85 -1.91 -8.83
N TRP A 304 16.58 -3.02 -9.53
CA TRP A 304 16.42 -4.30 -8.83
C TRP A 304 17.68 -4.62 -8.03
N ALA A 305 17.51 -5.03 -6.77
CA ALA A 305 18.61 -5.38 -5.89
C ALA A 305 18.22 -6.58 -5.05
N THR A 306 19.20 -7.38 -4.69
CA THR A 306 18.98 -8.55 -3.85
C THR A 306 19.33 -8.17 -2.41
N ASN A 307 18.41 -8.41 -1.47
CA ASN A 307 18.62 -7.97 -0.10
C ASN A 307 19.38 -9.05 0.68
N GLY A 308 19.40 -8.94 2.01
CA GLY A 308 20.26 -9.79 2.82
C GLY A 308 19.78 -11.23 2.95
N VAL A 309 18.53 -11.50 2.62
CA VAL A 309 18.00 -12.86 2.67
C VAL A 309 17.67 -13.37 1.26
N GLY A 310 18.25 -12.76 0.24
CA GLY A 310 18.17 -13.29 -1.11
C GLY A 310 16.93 -12.93 -1.89
N ARG A 311 16.12 -11.99 -1.46
CA ARG A 311 14.91 -11.58 -2.19
C ARG A 311 15.19 -10.33 -3.02
N LYS A 312 14.65 -10.31 -4.24
CA LYS A 312 14.79 -9.14 -5.11
C LYS A 312 13.78 -8.07 -4.72
N VAL A 313 14.22 -6.82 -4.73
CA VAL A 313 13.38 -5.72 -4.28
C VAL A 313 13.72 -4.47 -5.09
N SER A 314 12.68 -3.67 -5.41
CA SER A 314 12.80 -2.46 -6.23
C SER A 314 12.01 -1.33 -5.57
N HIS A 315 12.48 -0.10 -5.76
CA HIS A 315 11.73 1.05 -5.23
C HIS A 315 10.49 1.35 -6.07
N SER A 316 10.42 0.84 -7.31
CA SER A 316 9.22 1.02 -8.13
C SER A 316 8.14 -0.02 -7.83
N TYR A 317 8.54 -1.21 -7.37
CA TYR A 317 7.63 -2.35 -7.30
C TYR A 317 7.57 -3.06 -5.95
N GLY A 318 8.40 -2.69 -4.97
CA GLY A 318 8.46 -3.48 -3.76
C GLY A 318 9.02 -4.86 -4.07
N TYR A 319 8.34 -5.90 -3.57
CA TYR A 319 8.75 -7.27 -3.83
C TYR A 319 8.18 -7.86 -5.14
N GLY A 320 7.47 -7.07 -5.93
CA GLY A 320 6.98 -7.55 -7.23
C GLY A 320 5.48 -7.64 -7.30
N LEU A 321 5.00 -8.38 -8.32
CA LEU A 321 3.57 -8.54 -8.58
C LEU A 321 2.94 -9.52 -7.60
N LEU A 322 1.73 -9.19 -7.14
CA LEU A 322 0.99 -10.15 -6.34
C LEU A 322 0.65 -11.41 -7.15
N ASP A 323 0.56 -12.55 -6.44
CA ASP A 323 0.29 -13.86 -7.02
C ASP A 323 -0.80 -14.51 -6.17
N ALA A 324 -2.04 -14.47 -6.66
CA ALA A 324 -3.18 -14.88 -5.85
C ALA A 324 -3.13 -16.38 -5.52
N GLY A 325 -2.82 -17.21 -6.51
CA GLY A 325 -2.74 -18.64 -6.27
C GLY A 325 -1.72 -19.01 -5.20
N ALA A 326 -0.56 -18.35 -5.22
CA ALA A 326 0.47 -18.63 -4.22
C ALA A 326 0.08 -18.12 -2.84
N MET A 327 -0.60 -16.96 -2.79
CA MET A 327 -1.09 -16.41 -1.52
C MET A 327 -2.05 -17.37 -0.82
N VAL A 328 -3.05 -17.89 -1.56
CA VAL A 328 -4.05 -18.74 -0.89
C VAL A 328 -3.45 -20.08 -0.51
N ALA A 329 -2.48 -20.58 -1.28
CA ALA A 329 -1.85 -21.85 -0.93
C ALA A 329 -1.05 -21.72 0.36
N LEU A 330 -0.18 -20.70 0.44
CA LEU A 330 0.65 -20.51 1.62
C LEU A 330 -0.17 -20.15 2.86
N ALA A 331 -1.33 -19.51 2.68
CA ALA A 331 -2.14 -19.11 3.83
C ALA A 331 -2.68 -20.31 4.62
N GLN A 332 -2.96 -21.42 3.94
CA GLN A 332 -3.77 -22.47 4.56
C GLN A 332 -3.09 -23.09 5.79
N ASN A 333 -1.78 -23.32 5.73
CA ASN A 333 -1.09 -23.88 6.89
C ASN A 333 -0.13 -22.89 7.56
N TRP A 334 -0.40 -21.58 7.41
CA TRP A 334 0.47 -20.55 7.99
C TRP A 334 0.43 -20.58 9.52
N THR A 335 1.60 -20.53 10.15
CA THR A 335 1.71 -20.40 11.60
C THR A 335 1.82 -18.92 12.00
N THR A 336 0.93 -18.48 12.89
CA THR A 336 0.89 -17.09 13.32
C THR A 336 2.25 -16.61 13.82
N VAL A 337 2.66 -15.41 13.40
CA VAL A 337 3.92 -14.84 13.86
C VAL A 337 3.84 -14.46 15.34
N ALA A 338 5.01 -14.35 15.97
CA ALA A 338 5.11 -13.97 17.37
C ALA A 338 4.68 -12.51 17.57
N PRO A 339 4.39 -12.09 18.82
CA PRO A 339 4.00 -10.69 19.05
C PRO A 339 5.09 -9.74 18.59
N GLN A 340 4.68 -8.55 18.14
CA GLN A 340 5.62 -7.58 17.57
C GLN A 340 6.44 -6.90 18.67
N ARG A 341 7.77 -6.86 18.48
CA ARG A 341 8.69 -6.13 19.36
C ARG A 341 9.11 -4.82 18.69
N LYS A 342 9.55 -3.87 19.52
CA LYS A 342 9.95 -2.53 19.06
C LYS A 342 11.22 -2.11 19.80
N CYS A 343 12.30 -1.83 19.07
CA CYS A 343 13.58 -1.44 19.65
C CYS A 343 13.94 -0.03 19.18
N ILE A 344 14.10 0.90 20.13
CA ILE A 344 14.30 2.32 19.87
C ILE A 344 15.77 2.66 20.09
N ILE A 345 16.46 3.21 19.09
CA ILE A 345 17.88 3.56 19.21
C ILE A 345 18.08 5.03 18.81
N ASP A 346 18.37 5.88 19.80
CA ASP A 346 18.68 7.28 19.54
C ASP A 346 20.15 7.40 19.16
N ILE A 347 20.43 7.86 17.94
CA ILE A 347 21.76 7.70 17.33
C ILE A 347 22.70 8.85 17.71
N LEU A 348 22.25 10.10 17.66
CA LEU A 348 23.16 11.25 17.69
C LEU A 348 23.56 11.65 19.12
N THR A 349 24.84 11.99 19.30
CA THR A 349 25.29 12.64 20.53
C THR A 349 25.35 14.16 20.44
N GLU A 350 25.27 14.73 19.24
CA GLU A 350 25.36 16.17 19.01
C GLU A 350 24.85 16.46 17.61
N PRO A 351 24.42 17.70 17.34
CA PRO A 351 23.96 18.03 15.99
C PRO A 351 25.10 18.01 14.99
N LYS A 352 24.75 17.81 13.72
CA LYS A 352 25.73 17.71 12.64
C LYS A 352 25.33 18.61 11.48
N ASP A 353 26.29 19.42 11.00
CA ASP A 353 26.07 20.22 9.81
C ASP A 353 26.02 19.33 8.57
N ILE A 354 25.05 19.59 7.70
CA ILE A 354 24.91 18.76 6.50
C ILE A 354 25.90 19.19 5.43
N GLY A 355 25.92 20.48 5.11
CA GLY A 355 26.82 20.96 4.07
C GLY A 355 26.57 20.26 2.74
N LYS A 356 27.64 19.78 2.12
CA LYS A 356 27.51 19.14 0.81
C LYS A 356 27.17 17.66 0.95
N ARG A 357 27.66 17.01 2.00
CA ARG A 357 27.44 15.59 2.22
C ARG A 357 27.67 15.28 3.69
N LEU A 358 26.81 14.43 4.25
CA LEU A 358 26.96 13.99 5.63
C LEU A 358 26.72 12.49 5.70
N GLU A 359 27.60 11.78 6.41
CA GLU A 359 27.48 10.35 6.63
C GLU A 359 27.51 10.07 8.13
N VAL A 360 26.54 9.30 8.62
CA VAL A 360 26.43 8.95 10.04
C VAL A 360 26.44 7.42 10.18
N ARG A 361 27.45 6.89 10.87
CA ARG A 361 27.61 5.45 11.06
C ARG A 361 27.37 5.07 12.52
N LYS A 362 26.66 3.97 12.74
CA LYS A 362 26.38 3.52 14.10
C LYS A 362 26.21 2.01 14.17
N THR A 363 26.96 1.36 15.05
CA THR A 363 26.83 -0.06 15.32
C THR A 363 25.85 -0.28 16.47
N VAL A 364 24.82 -1.11 16.26
CA VAL A 364 23.77 -1.32 17.25
C VAL A 364 23.70 -2.79 17.63
N THR A 365 23.19 -3.06 18.86
CA THR A 365 22.95 -4.42 19.31
C THR A 365 21.49 -4.85 19.15
N ALA A 366 20.59 -3.93 18.82
CA ALA A 366 19.17 -4.23 18.58
C ALA A 366 18.52 -4.81 19.84
N CYS A 367 18.80 -4.14 20.98
CA CYS A 367 18.17 -4.45 22.26
C CYS A 367 18.55 -5.85 22.77
N LEU A 368 19.80 -6.25 22.50
CA LEU A 368 20.32 -7.52 23.00
C LEU A 368 20.16 -7.63 24.52
N GLY A 369 19.72 -8.80 24.97
CA GLY A 369 19.54 -9.05 26.39
C GLY A 369 18.24 -8.57 26.97
N GLU A 370 17.40 -7.90 26.20
CA GLU A 370 16.18 -7.29 26.68
C GLU A 370 14.95 -7.98 26.07
N PRO A 371 13.77 -7.80 26.66
CA PRO A 371 12.58 -8.46 26.11
C PRO A 371 12.22 -8.00 24.70
N ASN A 372 12.74 -6.87 24.23
CA ASN A 372 12.43 -6.41 22.88
C ASN A 372 13.58 -6.63 21.91
N HIS A 373 14.48 -7.57 22.23
CA HIS A 373 15.53 -7.99 21.30
C HIS A 373 14.93 -8.48 19.97
N ILE A 374 15.45 -7.95 18.86
CA ILE A 374 14.99 -8.29 17.51
C ILE A 374 16.15 -8.92 16.73
N THR A 375 15.96 -10.18 16.30
CA THR A 375 16.87 -10.81 15.35
C THR A 375 16.25 -10.97 13.97
N ARG A 376 14.96 -10.68 13.82
CA ARG A 376 14.23 -10.89 12.57
C ARG A 376 13.40 -9.64 12.28
N LEU A 377 13.91 -8.78 11.42
CA LEU A 377 13.33 -7.47 11.19
C LEU A 377 12.06 -7.55 10.33
N GLU A 378 11.11 -6.65 10.61
CA GLU A 378 10.00 -6.40 9.68
C GLU A 378 10.21 -5.02 9.05
N HIS A 379 9.46 -4.01 9.49
CA HIS A 379 9.69 -2.62 9.07
C HIS A 379 10.84 -1.98 9.85
N ALA A 380 11.55 -1.03 9.21
CA ALA A 380 12.51 -0.16 9.90
C ALA A 380 12.22 1.29 9.55
N GLN A 381 12.41 2.19 10.52
CA GLN A 381 12.20 3.63 10.34
C GLN A 381 13.44 4.40 10.74
N ALA A 382 13.77 5.43 9.96
CA ALA A 382 14.73 6.45 10.39
C ALA A 382 13.95 7.75 10.60
N ARG A 383 13.74 8.11 11.87
CA ARG A 383 12.96 9.31 12.21
C ARG A 383 13.93 10.49 12.32
N LEU A 384 13.79 11.45 11.40
CA LEU A 384 14.80 12.49 11.19
C LEU A 384 14.24 13.88 11.51
N THR A 385 14.99 14.67 12.26
CA THR A 385 14.72 16.10 12.43
C THR A 385 15.90 16.89 11.88
N LEU A 386 15.65 17.75 10.90
CA LEU A 386 16.71 18.52 10.27
C LEU A 386 16.17 19.82 9.71
N SER A 387 17.04 20.83 9.61
CA SER A 387 16.76 22.06 8.89
C SER A 387 17.56 22.10 7.59
N TYR A 388 17.02 22.77 6.58
CA TYR A 388 17.71 22.92 5.29
C TYR A 388 17.04 24.04 4.51
N ASN A 389 17.80 24.68 3.62
CA ASN A 389 17.28 25.85 2.94
C ASN A 389 16.44 25.53 1.70
N ARG A 390 16.71 24.42 0.98
CA ARG A 390 15.84 24.00 -0.13
C ARG A 390 15.63 22.48 -0.07
N ARG A 391 14.48 22.05 0.46
CA ARG A 391 14.29 20.65 0.85
C ARG A 391 14.48 19.68 -0.32
N GLY A 392 13.96 20.04 -1.51
CA GLY A 392 14.00 19.14 -2.65
C GLY A 392 15.38 18.87 -3.23
N ASP A 393 16.41 19.58 -2.78
CA ASP A 393 17.76 19.23 -3.24
C ASP A 393 18.38 18.06 -2.46
N LEU A 394 17.76 17.61 -1.37
CA LEU A 394 18.32 16.53 -0.56
C LEU A 394 18.03 15.15 -1.14
N ALA A 395 19.02 14.25 -1.03
CA ALA A 395 18.80 12.82 -1.22
C ALA A 395 19.28 12.09 0.01
N ILE A 396 18.51 11.11 0.47
CA ILE A 396 18.78 10.42 1.74
C ILE A 396 18.76 8.91 1.51
N HIS A 397 19.82 8.22 1.98
CA HIS A 397 19.92 6.76 1.87
C HIS A 397 20.26 6.16 3.23
N LEU A 398 19.80 4.91 3.43
CA LEU A 398 20.05 4.13 4.65
C LEU A 398 20.53 2.73 4.26
N VAL A 399 21.65 2.29 4.83
CA VAL A 399 22.23 0.98 4.53
C VAL A 399 22.15 0.10 5.77
N SER A 400 21.58 -1.11 5.60
CA SER A 400 21.46 -2.06 6.72
C SER A 400 22.76 -2.83 6.93
N PRO A 401 22.92 -3.50 8.08
CA PRO A 401 24.15 -4.27 8.31
C PRO A 401 24.40 -5.39 7.31
N MET A 402 23.33 -5.91 6.70
N MET A 402 23.35 -5.93 6.69
CA MET A 402 23.46 -6.92 5.64
CA MET A 402 23.55 -6.93 5.66
C MET A 402 23.75 -6.32 4.28
C MET A 402 23.72 -6.31 4.26
N GLY A 403 23.96 -5.00 4.20
CA GLY A 403 24.35 -4.36 2.96
C GLY A 403 23.23 -3.85 2.05
N THR A 404 21.98 -3.82 2.52
CA THR A 404 20.85 -3.41 1.68
C THR A 404 20.70 -1.88 1.73
N ARG A 405 20.77 -1.23 0.58
CA ARG A 405 20.73 0.22 0.49
C ARG A 405 19.31 0.65 0.15
N SER A 406 18.63 1.31 1.09
CA SER A 406 17.29 1.83 0.87
C SER A 406 17.35 3.32 0.55
N THR A 407 16.68 3.74 -0.52
CA THR A 407 16.52 5.18 -0.78
C THR A 407 15.35 5.69 0.05
N LEU A 408 15.65 6.46 1.11
CA LEU A 408 14.60 7.06 1.91
C LEU A 408 13.99 8.29 1.23
N LEU A 409 14.79 9.05 0.48
CA LEU A 409 14.32 10.26 -0.18
C LEU A 409 15.16 10.51 -1.42
N ALA A 410 14.52 10.61 -2.58
CA ALA A 410 15.18 11.06 -3.80
C ALA A 410 14.93 12.55 -4.02
N ALA A 411 15.73 13.16 -4.89
CA ALA A 411 15.58 14.59 -5.15
C ALA A 411 14.18 14.92 -5.67
N ARG A 412 13.65 16.06 -5.25
CA ARG A 412 12.31 16.51 -5.67
C ARG A 412 12.45 17.91 -6.24
N PRO A 413 12.56 18.04 -7.57
CA PRO A 413 12.88 19.36 -8.16
C PRO A 413 11.89 20.46 -7.79
N HIS A 414 10.61 20.14 -7.59
CA HIS A 414 9.61 21.15 -7.28
C HIS A 414 9.56 21.54 -5.80
N ASP A 415 10.24 20.81 -4.91
CA ASP A 415 10.16 21.07 -3.47
C ASP A 415 11.15 22.18 -3.10
N TYR A 416 10.65 23.41 -3.00
CA TYR A 416 11.48 24.56 -2.62
C TYR A 416 11.42 24.90 -1.13
N SER A 417 10.71 24.10 -0.33
CA SER A 417 10.45 24.44 1.07
C SER A 417 11.73 24.68 1.87
N ALA A 418 11.68 25.68 2.76
CA ALA A 418 12.69 25.88 3.77
C ALA A 418 12.28 25.33 5.13
N ASP A 419 11.23 24.52 5.18
CA ASP A 419 10.72 24.00 6.45
C ASP A 419 11.40 22.71 6.93
N GLY A 420 12.19 22.05 6.09
CA GLY A 420 12.90 20.89 6.64
C GLY A 420 11.97 19.71 6.97
N PHE A 421 12.47 18.82 7.84
CA PHE A 421 11.70 17.68 8.32
C PHE A 421 11.63 17.71 9.85
N ASN A 422 10.44 17.50 10.41
CA ASN A 422 10.23 17.58 11.85
C ASN A 422 9.84 16.20 12.38
N ASP A 423 10.84 15.41 12.77
CA ASP A 423 10.66 14.02 13.23
C ASP A 423 9.84 13.19 12.23
N TRP A 424 10.24 13.26 10.95
CA TRP A 424 9.53 12.52 9.92
C TRP A 424 10.04 11.09 9.86
N ALA A 425 9.12 10.11 9.86
CA ALA A 425 9.49 8.71 10.06
C ALA A 425 9.62 7.95 8.73
N PHE A 426 10.71 8.23 7.99
CA PHE A 426 10.97 7.53 6.72
C PHE A 426 11.01 6.02 6.95
N MET A 427 10.28 5.26 6.13
CA MET A 427 10.14 3.81 6.37
C MET A 427 10.64 2.99 5.19
N THR A 428 11.26 1.83 5.49
CA THR A 428 11.69 0.90 4.44
C THR A 428 11.21 -0.52 4.73
N THR A 429 10.73 -1.18 3.67
CA THR A 429 10.36 -2.59 3.70
C THR A 429 11.46 -3.49 3.15
N HIS A 430 12.57 -2.91 2.67
CA HIS A 430 13.53 -3.66 1.87
C HIS A 430 14.46 -4.57 2.68
N SER A 431 14.47 -4.46 4.01
CA SER A 431 15.31 -5.30 4.86
C SER A 431 14.50 -6.32 5.65
N TRP A 432 13.26 -6.59 5.20
CA TRP A 432 12.38 -7.57 5.85
C TRP A 432 13.08 -8.93 5.98
N ASP A 433 12.99 -9.51 7.18
CA ASP A 433 13.58 -10.78 7.62
C ASP A 433 15.11 -10.74 7.81
N GLU A 434 15.78 -9.60 7.66
CA GLU A 434 17.20 -9.49 7.98
C GLU A 434 17.44 -9.37 9.49
N ASP A 435 18.65 -9.77 9.91
CA ASP A 435 19.11 -9.52 11.27
C ASP A 435 19.61 -8.08 11.36
N PRO A 436 19.01 -7.22 12.19
CA PRO A 436 19.41 -5.81 12.20
C PRO A 436 20.56 -5.47 13.14
N SER A 437 21.19 -6.46 13.78
CA SER A 437 22.36 -6.18 14.62
C SER A 437 23.54 -5.78 13.74
N GLY A 438 24.34 -4.81 14.19
CA GLY A 438 25.51 -4.41 13.41
C GLY A 438 25.53 -2.95 12.96
N GLU A 439 26.32 -2.65 11.93
CA GLU A 439 26.52 -1.25 11.52
C GLU A 439 25.42 -0.78 10.55
N TRP A 440 24.73 0.29 10.92
CA TRP A 440 23.82 1.02 10.03
C TRP A 440 24.50 2.30 9.56
N VAL A 441 24.19 2.72 8.32
CA VAL A 441 24.79 3.92 7.73
C VAL A 441 23.70 4.82 7.15
N LEU A 442 23.67 6.09 7.57
CA LEU A 442 22.78 7.10 6.98
C LEU A 442 23.61 8.09 6.17
N GLU A 443 23.15 8.38 4.95
CA GLU A 443 23.79 9.32 4.04
C GLU A 443 22.78 10.40 3.65
N ILE A 444 23.20 11.67 3.79
CA ILE A 444 22.42 12.83 3.36
C ILE A 444 23.31 13.66 2.44
N GLU A 445 22.80 13.99 1.24
CA GLU A 445 23.64 14.73 0.31
C GLU A 445 22.85 15.78 -0.44
N ASN A 446 23.56 16.84 -0.82
CA ASN A 446 23.02 17.90 -1.66
C ASN A 446 23.25 17.50 -3.13
N THR A 447 22.16 17.32 -3.86
CA THR A 447 22.24 16.88 -5.25
C THR A 447 22.37 18.02 -6.26
N SER A 448 22.45 19.26 -5.79
CA SER A 448 22.57 20.41 -6.69
C SER A 448 23.92 21.07 -6.49
N GLU A 449 24.26 21.96 -7.44
CA GLU A 449 25.50 22.72 -7.35
C GLU A 449 25.38 23.96 -6.47
N ALA A 450 24.18 24.26 -5.96
CA ALA A 450 23.99 25.43 -5.12
C ALA A 450 24.64 25.25 -3.75
N ASN A 451 24.97 26.37 -3.11
CA ASN A 451 25.63 26.34 -1.80
C ASN A 451 24.54 26.33 -0.71
N ASN A 452 23.99 25.15 -0.49
CA ASN A 452 22.92 24.96 0.49
C ASN A 452 23.51 24.70 1.88
N TYR A 453 22.66 24.84 2.91
CA TYR A 453 23.13 24.76 4.29
C TYR A 453 22.02 24.27 5.21
N GLY A 454 22.41 23.59 6.29
CA GLY A 454 21.45 23.09 7.27
C GLY A 454 22.11 22.16 8.26
N THR A 455 21.27 21.61 9.15
CA THR A 455 21.74 20.85 10.31
C THR A 455 20.82 19.68 10.62
N LEU A 456 21.41 18.49 10.87
CA LEU A 456 20.67 17.34 11.38
C LEU A 456 20.73 17.35 12.90
N THR A 457 19.57 17.43 13.56
CA THR A 457 19.53 17.51 15.03
C THR A 457 19.03 16.27 15.73
N LYS A 458 18.30 15.36 15.05
CA LYS A 458 17.88 14.12 15.68
C LYS A 458 17.77 13.00 14.63
N PHE A 459 18.20 11.80 15.03
CA PHE A 459 18.13 10.60 14.18
C PHE A 459 17.82 9.44 15.11
N THR A 460 16.56 8.99 15.11
CA THR A 460 16.13 7.81 15.87
C THR A 460 15.92 6.65 14.91
N LEU A 461 16.64 5.55 15.13
CA LEU A 461 16.41 4.33 14.36
C LEU A 461 15.41 3.48 15.13
N VAL A 462 14.26 3.18 14.52
CA VAL A 462 13.22 2.38 15.16
C VAL A 462 13.09 1.06 14.39
N LEU A 463 13.32 -0.05 15.09
CA LEU A 463 13.23 -1.39 14.51
C LEU A 463 12.00 -2.11 15.02
N TYR A 464 11.29 -2.81 14.14
CA TYR A 464 10.14 -3.65 14.47
C TYR A 464 10.42 -5.09 14.05
N GLY A 465 9.96 -6.06 14.83
CA GLY A 465 10.11 -7.46 14.41
C GLY A 465 10.00 -8.45 15.58
N THR A 466 10.65 -9.62 15.40
CA THR A 466 10.58 -10.73 16.34
C THR A 466 11.98 -11.31 16.57
N ALA A 467 12.06 -12.38 17.36
CA ALA A 467 13.32 -13.11 17.55
C ALA A 467 13.12 -14.60 17.33
N SER A 468 12.26 -14.98 16.37
CA SER A 468 12.05 -16.40 16.11
C SER A 468 11.44 -16.58 14.73
N GLY A 469 11.49 -17.83 14.25
CA GLY A 469 10.64 -18.28 13.15
C GLY A 469 11.21 -18.16 11.76
N SER A 470 12.52 -18.01 11.60
CA SER A 470 13.05 -17.60 10.32
C SER A 470 13.12 -18.75 9.31
N LEU A 471 13.25 -18.37 8.04
CA LEU A 471 13.26 -19.26 6.89
C LEU A 471 14.64 -19.22 6.24
N VAL A 472 15.02 -20.31 5.56
CA VAL A 472 16.31 -20.36 4.87
C VAL A 472 16.28 -19.34 3.72
N PRO A 473 17.25 -18.43 3.67
CA PRO A 473 17.21 -17.34 2.68
C PRO A 473 17.06 -17.85 1.25
N ARG A 474 16.27 -17.11 0.46
CA ARG A 474 16.07 -17.41 -0.96
C ARG A 474 17.38 -17.38 -1.73
N LYS B 1 -6.02 21.26 -2.58
CA LYS B 1 -7.01 20.73 -1.62
C LYS B 1 -6.39 19.80 -0.77
N ARG B 2 -6.89 19.55 0.52
CA ARG B 2 -6.19 18.62 1.45
C ARG B 2 -6.05 17.30 0.94
N ARG B 3 -7.12 16.62 0.34
CA ARG B 3 -6.95 15.21 -0.14
C ARG B 3 -7.44 15.08 -1.47
N LYS B 5 -8.24 12.43 -5.22
CA LYS B 5 -8.51 11.06 -5.76
C LYS B 5 -7.35 10.66 -6.44
#